data_6W3G
#
_entry.id   6W3G
#
_cell.length_a   32.578
_cell.length_b   36.814
_cell.length_c   177.303
_cell.angle_alpha   90.000
_cell.angle_beta   90.000
_cell.angle_gamma   90.000
#
_symmetry.space_group_name_H-M   'P 21 21 21'
#
loop_
_entity.id
_entity.type
_entity.pdbx_description
1 polymer Rd1NTF2_04
2 water water
#
_entity_poly.entity_id   1
_entity_poly.type   'polypeptide(L)'
_entity_poly.pdbx_seq_one_letter_code
;SGSGSDDHSSARKFADEFREMMKTGDSTKADELFDPNVRVEVGDKRYHGREQAVDWIRHLVDRYDHIEIRIDHITVRGDR
ISIVFTVHYEKNGETTYDRYVMVAVDRNGRAQIKMLRKG
;
_entity_poly.pdbx_strand_id   A,B
#
# COMPACT_ATOMS: atom_id res chain seq x y z
C SER A 9 -3.14 4.45 28.69
N SER A 10 -4.15 3.78 28.12
CA SER A 10 -3.92 3.02 26.90
C SER A 10 -3.56 3.94 25.74
N ALA A 11 -4.36 4.99 25.51
CA ALA A 11 -4.11 5.88 24.37
C ALA A 11 -2.76 6.55 24.49
N ARG A 12 -2.38 6.95 25.70
CA ARG A 12 -1.09 7.61 25.92
C ARG A 12 0.06 6.62 25.70
N LYS A 13 -0.10 5.39 26.20
CA LYS A 13 0.89 4.36 25.94
C LYS A 13 1.08 4.17 24.44
N PHE A 14 -0.03 4.11 23.71
CA PHE A 14 0.03 3.95 22.26
C PHE A 14 0.80 5.09 21.61
N ALA A 15 0.48 6.33 21.99
CA ALA A 15 1.19 7.48 21.44
C ALA A 15 2.68 7.43 21.76
N ASP A 16 3.03 7.07 22.99
CA ASP A 16 4.44 6.93 23.37
C ASP A 16 5.14 5.89 22.51
N GLU A 17 4.50 4.75 22.28
CA GLU A 17 5.12 3.70 21.45
C GLU A 17 5.30 4.18 20.03
N PHE A 18 4.31 4.91 19.51
CA PHE A 18 4.42 5.44 18.16
C PHE A 18 5.58 6.40 18.05
N ARG A 19 5.74 7.28 19.04
N ARG A 19 5.73 7.29 19.04
CA ARG A 19 6.86 8.20 19.04
CA ARG A 19 6.86 8.20 19.05
C ARG A 19 8.19 7.46 19.07
C ARG A 19 8.19 7.45 19.06
N GLU A 20 8.29 6.40 19.88
CA GLU A 20 9.52 5.63 19.96
C GLU A 20 9.79 4.91 18.65
N MET A 21 8.75 4.37 18.02
N MET A 21 8.75 4.38 18.00
CA MET A 21 8.91 3.70 16.72
CA MET A 21 8.97 3.70 16.74
C MET A 21 9.41 4.69 15.67
C MET A 21 9.38 4.68 15.64
N MET A 22 8.90 5.93 15.72
CA MET A 22 9.31 6.93 14.74
C MET A 22 10.78 7.29 14.83
N LYS A 23 11.43 7.03 15.97
CA LYS A 23 12.87 7.33 16.08
C LYS A 23 13.69 6.43 15.17
N THR A 24 13.37 5.14 15.13
CA THR A 24 14.17 4.17 14.40
C THR A 24 13.46 3.53 13.22
N GLY A 25 12.16 3.71 13.09
CA GLY A 25 11.42 2.98 12.08
C GLY A 25 11.48 1.48 12.29
N ASP A 26 11.40 1.04 13.55
CA ASP A 26 11.47 -0.38 13.85
C ASP A 26 10.31 -1.14 13.21
N SER A 27 10.65 -2.15 12.41
CA SER A 27 9.62 -2.93 11.71
C SER A 27 8.74 -3.70 12.68
N THR A 28 9.33 -4.27 13.73
CA THR A 28 8.55 -5.02 14.70
C THR A 28 7.48 -4.14 15.33
N LYS A 29 7.87 -2.95 15.80
CA LYS A 29 6.90 -2.01 16.34
C LYS A 29 5.84 -1.67 15.31
N ALA A 30 6.25 -1.44 14.06
CA ALA A 30 5.30 -1.09 13.01
C ALA A 30 4.26 -2.18 12.80
N ASP A 31 4.66 -3.45 12.89
CA ASP A 31 3.69 -4.53 12.78
C ASP A 31 2.64 -4.44 13.87
N GLU A 32 3.01 -3.92 15.04
CA GLU A 32 2.04 -3.86 16.12
C GLU A 32 1.16 -2.61 16.00
N LEU A 33 1.72 -1.50 15.52
CA LEU A 33 1.07 -0.21 15.61
C LEU A 33 0.25 0.14 14.36
N PHE A 34 0.69 -0.31 13.19
CA PHE A 34 0.05 0.03 11.93
C PHE A 34 -0.97 -1.05 11.55
N ASP A 35 -2.16 -0.61 11.15
CA ASP A 35 -3.07 -1.52 10.47
C ASP A 35 -2.40 -2.03 9.21
N PRO A 36 -2.70 -3.26 8.78
CA PRO A 36 -2.10 -3.76 7.54
C PRO A 36 -2.39 -2.91 6.33
N ASN A 37 -3.54 -2.24 6.31
CA ASN A 37 -3.92 -1.40 5.18
C ASN A 37 -3.80 0.08 5.52
N VAL A 38 -2.88 0.43 6.42
CA VAL A 38 -2.71 1.82 6.80
C VAL A 38 -2.45 2.69 5.59
N ARG A 39 -3.04 3.88 5.60
CA ARG A 39 -2.82 4.90 4.58
C ARG A 39 -2.00 6.04 5.19
N VAL A 40 -0.93 6.43 4.50
CA VAL A 40 -0.13 7.57 4.90
C VAL A 40 -0.13 8.56 3.74
N GLU A 41 -0.58 9.78 3.99
N GLU A 41 -0.56 9.79 4.00
CA GLU A 41 -0.61 10.83 2.99
CA GLU A 41 -0.61 10.84 2.99
C GLU A 41 0.34 11.94 3.42
C GLU A 41 0.32 11.96 3.41
N VAL A 42 1.34 12.22 2.59
CA VAL A 42 2.34 13.24 2.89
C VAL A 42 2.36 14.17 1.69
N GLY A 43 1.48 15.16 1.71
CA GLY A 43 1.38 16.07 0.57
C GLY A 43 0.95 15.29 -0.64
N ASP A 44 1.82 15.29 -1.66
CA ASP A 44 1.53 14.58 -2.90
C ASP A 44 1.76 13.07 -2.77
N LYS A 45 2.68 12.65 -1.91
CA LYS A 45 3.04 11.23 -1.84
C LYS A 45 2.04 10.46 -0.99
N ARG A 46 1.65 9.29 -1.50
CA ARG A 46 0.72 8.41 -0.80
C ARG A 46 1.40 7.07 -0.55
N TYR A 47 1.38 6.62 0.69
CA TYR A 47 1.86 5.29 1.04
C TYR A 47 0.70 4.43 1.55
N HIS A 48 0.79 3.13 1.27
CA HIS A 48 -0.20 2.17 1.72
C HIS A 48 0.49 0.95 2.27
N GLY A 49 0.09 0.52 3.46
CA GLY A 49 0.59 -0.70 4.06
C GLY A 49 1.78 -0.49 4.97
N ARG A 50 2.09 -1.53 5.75
CA ARG A 50 3.12 -1.41 6.77
C ARG A 50 4.49 -1.20 6.14
N GLU A 51 4.81 -1.95 5.09
CA GLU A 51 6.13 -1.85 4.49
C GLU A 51 6.41 -0.46 3.95
N GLN A 52 5.45 0.12 3.23
CA GLN A 52 5.65 1.47 2.71
C GLN A 52 5.69 2.50 3.83
N ALA A 53 4.91 2.30 4.88
CA ALA A 53 4.94 3.22 6.01
C ALA A 53 6.29 3.18 6.72
N VAL A 54 6.86 1.98 6.86
CA VAL A 54 8.18 1.84 7.49
C VAL A 54 9.25 2.47 6.63
N ASP A 55 9.20 2.24 5.31
CA ASP A 55 10.18 2.81 4.41
C ASP A 55 10.13 4.34 4.45
N TRP A 56 8.92 4.89 4.55
CA TRP A 56 8.77 6.34 4.65
C TRP A 56 9.48 6.85 5.89
N ILE A 57 9.27 6.18 7.03
CA ILE A 57 9.92 6.62 8.27
C ILE A 57 11.43 6.50 8.15
N ARG A 58 11.92 5.39 7.59
CA ARG A 58 13.36 5.18 7.50
C ARG A 58 14.02 6.22 6.61
N HIS A 59 13.36 6.64 5.53
CA HIS A 59 13.91 7.71 4.69
C HIS A 59 14.10 8.98 5.50
N LEU A 60 13.11 9.35 6.33
CA LEU A 60 13.24 10.54 7.17
C LEU A 60 14.41 10.40 8.13
N VAL A 61 14.51 9.25 8.80
CA VAL A 61 15.56 9.03 9.77
C VAL A 61 16.93 9.19 9.13
N ASP A 62 17.08 8.70 7.90
CA ASP A 62 18.38 8.75 7.24
C ASP A 62 18.74 10.16 6.80
N ARG A 63 17.76 11.05 6.62
CA ARG A 63 18.02 12.31 5.94
C ARG A 63 18.34 13.46 6.89
N TYR A 64 17.81 13.42 8.10
CA TYR A 64 17.85 14.57 9.00
C TYR A 64 18.80 14.35 10.17
N ASP A 65 19.41 15.45 10.59
CA ASP A 65 20.32 15.43 11.74
C ASP A 65 19.59 15.03 13.01
N HIS A 66 18.38 15.54 13.19
CA HIS A 66 17.58 15.23 14.36
C HIS A 66 16.11 15.36 13.98
N ILE A 67 15.29 14.51 14.59
CA ILE A 67 13.84 14.57 14.43
C ILE A 67 13.21 14.57 15.81
N GLU A 68 12.44 15.61 16.11
CA GLU A 68 11.76 15.78 17.38
C GLU A 68 10.28 15.61 17.13
N ILE A 69 9.63 14.72 17.88
CA ILE A 69 8.21 14.46 17.74
C ILE A 69 7.53 14.85 19.04
N ARG A 70 6.57 15.75 18.95
CA ARG A 70 5.82 16.16 20.12
C ARG A 70 4.36 15.77 19.91
N ILE A 71 3.82 15.03 20.85
CA ILE A 71 2.41 14.64 20.83
C ILE A 71 1.62 15.80 21.40
N ASP A 72 0.84 16.47 20.55
CA ASP A 72 0.11 17.67 20.96
C ASP A 72 -1.29 17.38 21.52
N HIS A 73 -2.04 16.51 20.85
CA HIS A 73 -3.41 16.22 21.28
C HIS A 73 -3.67 14.74 21.12
N ILE A 74 -4.22 14.10 22.15
CA ILE A 74 -4.74 12.74 22.05
C ILE A 74 -6.18 12.80 22.48
N THR A 75 -7.09 12.40 21.60
CA THR A 75 -8.51 12.40 21.92
C THR A 75 -9.09 11.05 21.58
N VAL A 76 -9.95 10.56 22.46
CA VAL A 76 -10.62 9.29 22.25
C VAL A 76 -12.13 9.50 22.26
N ARG A 77 -12.80 8.96 21.26
CA ARG A 77 -14.26 8.95 21.20
C ARG A 77 -14.66 7.55 20.76
N GLY A 78 -15.31 6.81 21.65
CA GLY A 78 -15.62 5.43 21.34
C GLY A 78 -14.35 4.65 21.06
N ASP A 79 -14.32 3.98 19.90
CA ASP A 79 -13.16 3.21 19.50
C ASP A 79 -12.20 4.01 18.62
N ARG A 80 -12.41 5.31 18.48
CA ARG A 80 -11.57 6.15 17.63
C ARG A 80 -10.56 6.90 18.48
N ILE A 81 -9.29 6.78 18.13
CA ILE A 81 -8.21 7.53 18.78
C ILE A 81 -7.66 8.50 17.75
N SER A 82 -7.68 9.79 18.08
CA SER A 82 -7.13 10.80 17.20
C SER A 82 -5.93 11.43 17.87
N ILE A 83 -4.81 11.49 17.16
CA ILE A 83 -3.58 12.06 17.69
C ILE A 83 -3.09 13.12 16.72
N VAL A 84 -2.87 14.33 17.24
CA VAL A 84 -2.23 15.40 16.48
C VAL A 84 -0.82 15.52 17.03
N PHE A 85 0.16 15.47 16.14
CA PHE A 85 1.55 15.61 16.56
C PHE A 85 2.29 16.51 15.58
N THR A 86 3.29 17.19 16.09
CA THR A 86 4.17 17.98 15.25
C THR A 86 5.53 17.32 15.18
N VAL A 87 6.19 17.49 14.05
CA VAL A 87 7.50 16.90 13.83
C VAL A 87 8.43 18.01 13.38
N HIS A 88 9.56 18.16 14.08
CA HIS A 88 10.59 19.13 13.76
C HIS A 88 11.76 18.36 13.14
N TYR A 89 12.01 18.61 11.85
CA TYR A 89 13.08 17.98 11.07
C TYR A 89 14.23 18.97 10.93
N GLU A 90 15.40 18.66 11.53
CA GLU A 90 16.55 19.54 11.45
C GLU A 90 17.58 18.99 10.46
N LYS A 91 18.04 19.86 9.55
CA LYS A 91 19.05 19.50 8.56
C LYS A 91 19.92 20.73 8.32
N ASN A 92 21.16 20.66 8.80
CA ASN A 92 22.18 21.65 8.47
C ASN A 92 21.74 23.07 8.81
N GLY A 93 21.32 23.25 10.07
CA GLY A 93 20.94 24.57 10.53
C GLY A 93 19.62 25.09 10.00
N GLU A 94 18.81 24.22 9.41
CA GLU A 94 17.46 24.59 8.99
C GLU A 94 16.51 23.59 9.59
N THR A 95 15.40 24.08 10.14
CA THR A 95 14.42 23.22 10.77
C THR A 95 13.11 23.37 10.05
N THR A 96 12.48 22.24 9.73
CA THR A 96 11.16 22.22 9.12
C THR A 96 10.16 21.77 10.18
N TYR A 97 9.01 22.41 10.22
CA TYR A 97 8.01 22.15 11.26
C TYR A 97 6.73 21.66 10.59
N ASP A 98 6.48 20.35 10.72
CA ASP A 98 5.31 19.74 10.12
C ASP A 98 4.32 19.41 11.22
N ARG A 99 3.07 19.22 10.81
N ARG A 99 3.07 19.21 10.80
CA ARG A 99 2.03 18.75 11.69
CA ARG A 99 1.99 18.79 11.69
C ARG A 99 1.30 17.59 11.02
C ARG A 99 1.25 17.63 11.04
N TYR A 100 1.02 16.57 11.80
CA TYR A 100 0.34 15.38 11.32
C TYR A 100 -0.89 15.11 12.18
N VAL A 101 -1.89 14.50 11.54
CA VAL A 101 -3.07 14.00 12.22
C VAL A 101 -3.13 12.50 11.97
N MET A 102 -3.29 11.75 13.04
N MET A 102 -3.38 11.75 13.01
CA MET A 102 -3.43 10.31 12.98
CA MET A 102 -3.39 10.29 12.93
C MET A 102 -4.84 9.92 13.38
C MET A 102 -4.68 9.75 13.52
N VAL A 103 -5.32 8.83 12.78
CA VAL A 103 -6.52 8.17 13.22
C VAL A 103 -6.16 6.71 13.45
N ALA A 104 -6.42 6.25 14.66
CA ALA A 104 -6.26 4.85 15.03
C ALA A 104 -7.59 4.33 15.57
N VAL A 105 -7.81 3.04 15.41
N VAL A 105 -7.81 3.04 15.42
CA VAL A 105 -9.04 2.39 15.84
CA VAL A 105 -9.04 2.39 15.84
C VAL A 105 -8.68 1.34 16.87
C VAL A 105 -8.70 1.33 16.86
N ASP A 106 -9.41 1.33 17.99
CA ASP A 106 -9.20 0.38 19.06
C ASP A 106 -10.16 -0.78 18.85
N ARG A 107 -9.61 -1.97 18.57
CA ARG A 107 -10.40 -3.15 18.26
C ARG A 107 -9.96 -4.33 19.12
N GLY A 109 -9.28 -3.06 22.62
CA GLY A 109 -8.17 -3.78 23.21
C GLY A 109 -6.85 -3.54 22.50
N ARG A 110 -6.89 -3.47 21.18
CA ARG A 110 -5.70 -3.36 20.34
C ARG A 110 -5.90 -2.20 19.37
N ALA A 111 -5.17 -1.10 19.59
CA ALA A 111 -5.28 0.08 18.74
C ALA A 111 -4.29 -0.02 17.58
N GLN A 112 -4.78 0.24 16.37
CA GLN A 112 -3.94 0.22 15.19
C GLN A 112 -4.19 1.46 14.34
N ILE A 113 -3.12 2.00 13.77
CA ILE A 113 -3.18 3.21 12.97
C ILE A 113 -3.79 2.91 11.60
N LYS A 114 -4.87 3.61 11.27
CA LYS A 114 -5.53 3.50 9.97
C LYS A 114 -5.09 4.58 8.99
N MET A 115 -4.77 5.77 9.47
N MET A 115 -4.83 5.79 9.47
CA MET A 115 -4.52 6.91 8.59
CA MET A 115 -4.52 6.91 8.61
C MET A 115 -3.60 7.89 9.29
C MET A 115 -3.52 7.80 9.33
N LEU A 116 -2.56 8.32 8.57
CA LEU A 116 -1.62 9.31 9.05
C LEU A 116 -1.52 10.33 7.93
N ARG A 117 -1.89 11.58 8.19
CA ARG A 117 -1.89 12.58 7.13
C ARG A 117 -1.19 13.85 7.59
N LYS A 118 -0.34 14.37 6.70
CA LYS A 118 0.27 15.67 6.92
C LYS A 118 -0.84 16.70 6.82
N GLY A 119 -0.98 17.50 7.86
CA GLY A 119 -2.06 18.44 7.99
C GLY A 119 -1.59 19.76 8.55
N SER B 10 -15.07 -21.62 -11.08
CA SER B 10 -14.71 -20.42 -10.33
C SER B 10 -13.38 -19.86 -10.80
N ALA B 11 -12.39 -20.75 -10.98
CA ALA B 11 -11.08 -20.32 -11.44
C ALA B 11 -11.14 -19.75 -12.85
N ARG B 12 -11.71 -20.51 -13.79
CA ARG B 12 -11.80 -20.03 -15.16
C ARG B 12 -12.60 -18.74 -15.26
N LYS B 13 -13.70 -18.65 -14.51
CA LYS B 13 -14.51 -17.44 -14.51
C LYS B 13 -13.69 -16.26 -14.00
N PHE B 14 -12.99 -16.46 -12.89
CA PHE B 14 -12.10 -15.43 -12.37
C PHE B 14 -11.07 -15.01 -13.40
N ALA B 15 -10.41 -15.99 -14.04
CA ALA B 15 -9.39 -15.69 -15.04
C ALA B 15 -9.96 -14.82 -16.16
N ASP B 16 -11.16 -15.16 -16.64
CA ASP B 16 -11.79 -14.37 -17.70
C ASP B 16 -12.10 -12.96 -17.22
N GLU B 17 -12.68 -12.84 -16.03
CA GLU B 17 -12.95 -11.52 -15.47
C GLU B 17 -11.66 -10.73 -15.26
N PHE B 18 -10.60 -11.42 -14.83
CA PHE B 18 -9.32 -10.73 -14.64
C PHE B 18 -8.80 -10.20 -15.96
N ARG B 19 -8.80 -11.03 -17.00
CA ARG B 19 -8.31 -10.60 -18.30
C ARG B 19 -9.05 -9.35 -18.76
N GLU B 20 -10.38 -9.37 -18.70
CA GLU B 20 -11.18 -8.22 -19.12
C GLU B 20 -10.81 -6.98 -18.31
N MET B 21 -10.69 -7.13 -16.98
N MET B 21 -10.68 -7.14 -16.98
CA MET B 21 -10.30 -5.99 -16.14
CA MET B 21 -10.31 -6.01 -16.14
C MET B 21 -8.94 -5.46 -16.55
C MET B 21 -8.94 -5.46 -16.51
N MET B 22 -7.97 -6.35 -16.79
CA MET B 22 -6.65 -5.90 -17.18
C MET B 22 -6.68 -5.20 -18.54
N LYS B 23 -7.63 -5.57 -19.40
CA LYS B 23 -7.71 -4.96 -20.72
C LYS B 23 -7.98 -3.46 -20.63
N THR B 24 -8.87 -3.06 -19.72
CA THR B 24 -9.25 -1.66 -19.59
C THR B 24 -8.76 -1.00 -18.32
N GLY B 25 -8.69 -1.74 -17.21
CA GLY B 25 -8.33 -1.15 -15.94
C GLY B 25 -9.53 -0.49 -15.28
N ASP B 26 -10.59 -1.27 -15.10
CA ASP B 26 -11.83 -0.75 -14.54
C ASP B 26 -11.74 -0.74 -13.02
N SER B 27 -11.90 0.45 -12.43
CA SER B 27 -11.82 0.55 -10.97
C SER B 27 -12.90 -0.29 -10.31
N THR B 28 -14.12 -0.27 -10.85
CA THR B 28 -15.19 -1.08 -10.29
C THR B 28 -14.81 -2.56 -10.27
N LYS B 29 -14.36 -3.08 -11.42
CA LYS B 29 -13.98 -4.49 -11.50
C LYS B 29 -12.81 -4.79 -10.57
N ALA B 30 -11.97 -3.80 -10.29
CA ALA B 30 -10.78 -4.06 -9.50
C ALA B 30 -11.08 -4.13 -8.00
N ASP B 31 -11.97 -3.27 -7.51
CA ASP B 31 -12.40 -3.40 -6.11
C ASP B 31 -12.96 -4.78 -5.84
N GLU B 32 -13.56 -5.40 -6.86
CA GLU B 32 -14.07 -6.75 -6.68
C GLU B 32 -12.93 -7.77 -6.75
N LEU B 33 -11.95 -7.54 -7.61
CA LEU B 33 -10.93 -8.56 -7.87
C LEU B 33 -9.72 -8.44 -6.96
N PHE B 34 -9.31 -7.21 -6.60
CA PHE B 34 -8.12 -7.02 -5.79
C PHE B 34 -8.45 -7.07 -4.30
N ASP B 35 -7.66 -7.84 -3.56
CA ASP B 35 -7.70 -7.79 -2.11
C ASP B 35 -7.29 -6.40 -1.64
N PRO B 36 -7.87 -5.91 -0.53
CA PRO B 36 -7.43 -4.60 -0.01
C PRO B 36 -5.94 -4.54 0.29
N ASN B 37 -5.33 -5.68 0.59
CA ASN B 37 -3.92 -5.76 0.94
C ASN B 37 -3.06 -6.29 -0.21
N VAL B 38 -3.55 -6.21 -1.45
CA VAL B 38 -2.85 -6.82 -2.57
C VAL B 38 -1.45 -6.22 -2.71
N ARG B 39 -0.48 -7.07 -3.03
CA ARG B 39 0.88 -6.65 -3.35
C ARG B 39 1.11 -6.81 -4.84
N VAL B 40 1.63 -5.76 -5.48
CA VAL B 40 1.99 -5.81 -6.91
C VAL B 40 3.47 -5.46 -7.01
N GLU B 41 4.27 -6.43 -7.42
CA GLU B 41 5.72 -6.26 -7.49
C GLU B 41 6.11 -6.36 -8.96
N VAL B 42 6.31 -5.21 -9.60
CA VAL B 42 6.59 -5.16 -11.03
C VAL B 42 7.84 -4.32 -11.23
N GLY B 43 8.89 -4.94 -11.75
CA GLY B 43 10.14 -4.22 -11.94
C GLY B 43 10.63 -3.69 -10.61
N ASP B 44 11.01 -2.41 -10.60
CA ASP B 44 11.51 -1.79 -9.38
C ASP B 44 10.40 -1.39 -8.42
N LYS B 45 9.17 -1.24 -8.91
CA LYS B 45 8.09 -0.71 -8.10
C LYS B 45 7.48 -1.79 -7.21
N ARG B 46 7.16 -1.41 -5.98
CA ARG B 46 6.44 -2.28 -5.04
C ARG B 46 5.16 -1.56 -4.64
N TYR B 47 4.07 -1.93 -5.28
CA TYR B 47 2.76 -1.34 -5.00
C TYR B 47 2.02 -2.16 -3.96
N HIS B 48 1.20 -1.49 -3.17
CA HIS B 48 0.41 -2.13 -2.11
C HIS B 48 -0.95 -1.46 -2.06
N GLY B 49 -2.01 -2.26 -2.00
CA GLY B 49 -3.35 -1.74 -1.86
C GLY B 49 -4.07 -1.63 -3.19
N ARG B 50 -5.40 -1.63 -3.13
CA ARG B 50 -6.20 -1.57 -4.34
C ARG B 50 -5.93 -0.33 -5.16
N GLU B 51 -5.77 0.82 -4.49
N GLU B 51 -5.79 0.83 -4.50
CA GLU B 51 -5.60 2.09 -5.20
CA GLU B 51 -5.60 2.08 -5.22
C GLU B 51 -4.33 2.07 -6.05
C GLU B 51 -4.34 2.04 -6.06
N GLN B 52 -3.22 1.63 -5.45
CA GLN B 52 -1.98 1.54 -6.21
C GLN B 52 -2.06 0.47 -7.29
N ALA B 53 -2.73 -0.65 -7.00
CA ALA B 53 -2.84 -1.71 -8.00
C ALA B 53 -3.64 -1.22 -9.20
N VAL B 54 -4.74 -0.52 -8.94
CA VAL B 54 -5.55 0.00 -10.03
C VAL B 54 -4.77 1.03 -10.83
N ASP B 55 -4.02 1.89 -10.16
CA ASP B 55 -3.25 2.89 -10.89
C ASP B 55 -2.23 2.22 -11.81
N TRP B 56 -1.60 1.14 -11.35
CA TRP B 56 -0.63 0.45 -12.17
C TRP B 56 -1.27 -0.11 -13.44
N ILE B 57 -2.45 -0.72 -13.32
CA ILE B 57 -3.16 -1.24 -14.49
C ILE B 57 -3.49 -0.12 -15.46
N ARG B 58 -4.09 0.96 -14.95
CA ARG B 58 -4.46 2.08 -15.80
C ARG B 58 -3.27 2.57 -16.60
N HIS B 59 -2.13 2.77 -15.94
CA HIS B 59 -0.95 3.26 -16.63
C HIS B 59 -0.47 2.27 -17.69
N LEU B 60 -0.49 0.98 -17.34
CA LEU B 60 -0.06 -0.06 -18.28
C LEU B 60 -0.90 -0.04 -19.55
N VAL B 61 -2.23 0.00 -19.41
CA VAL B 61 -3.11 -0.08 -20.57
C VAL B 61 -2.95 1.12 -21.47
N ASP B 62 -2.66 2.29 -20.90
CA ASP B 62 -2.60 3.52 -21.65
C ASP B 62 -1.22 3.82 -22.21
N ARG B 63 -0.20 3.02 -21.86
CA ARG B 63 1.18 3.37 -22.18
C ARG B 63 1.52 3.04 -23.62
N TYR B 64 0.96 1.96 -24.16
CA TYR B 64 1.26 1.52 -25.50
C TYR B 64 0.01 1.64 -26.38
N ASP B 65 0.24 1.73 -27.69
CA ASP B 65 -0.87 1.80 -28.63
C ASP B 65 -1.71 0.52 -28.56
N HIS B 66 -1.05 -0.63 -28.63
CA HIS B 66 -1.72 -1.93 -28.64
C HIS B 66 -1.22 -2.75 -27.46
N ILE B 67 -2.15 -3.31 -26.70
CA ILE B 67 -1.82 -4.22 -25.60
C ILE B 67 -2.85 -5.34 -25.58
N GLU B 68 -2.39 -6.56 -25.37
CA GLU B 68 -3.24 -7.74 -25.28
C GLU B 68 -2.78 -8.60 -24.12
N ILE B 69 -3.67 -9.44 -23.62
CA ILE B 69 -3.39 -10.24 -22.43
C ILE B 69 -3.85 -11.66 -22.67
N ARG B 70 -2.97 -12.61 -22.39
CA ARG B 70 -3.20 -14.03 -22.62
C ARG B 70 -2.99 -14.77 -21.31
N ILE B 71 -3.99 -15.56 -20.91
CA ILE B 71 -3.85 -16.44 -19.75
C ILE B 71 -3.06 -17.66 -20.21
N ASP B 72 -1.91 -17.91 -19.56
CA ASP B 72 -1.06 -19.02 -19.93
C ASP B 72 -1.40 -20.29 -19.16
N HIS B 73 -1.51 -20.20 -17.84
CA HIS B 73 -1.76 -21.35 -16.99
C HIS B 73 -2.67 -20.96 -15.84
N ILE B 74 -3.49 -21.91 -15.40
CA ILE B 74 -4.36 -21.74 -14.24
C ILE B 74 -4.22 -23.00 -13.39
N THR B 75 -3.79 -22.84 -12.15
CA THR B 75 -3.72 -23.98 -11.24
C THR B 75 -4.42 -23.58 -9.95
N VAL B 76 -5.05 -24.57 -9.32
CA VAL B 76 -5.75 -24.36 -8.06
C VAL B 76 -5.25 -25.42 -7.09
N ARG B 77 -4.76 -24.98 -5.93
CA ARG B 77 -4.41 -25.84 -4.81
C ARG B 77 -5.26 -25.38 -3.63
N GLY B 78 -6.23 -26.19 -3.23
CA GLY B 78 -7.10 -25.79 -2.14
C GLY B 78 -7.86 -24.54 -2.51
N ASP B 79 -7.69 -23.49 -1.69
CA ASP B 79 -8.33 -22.21 -1.93
C ASP B 79 -7.38 -21.20 -2.58
N ARG B 80 -6.26 -21.67 -3.11
CA ARG B 80 -5.27 -20.81 -3.76
C ARG B 80 -5.34 -21.01 -5.27
N ILE B 81 -5.59 -19.93 -5.99
CA ILE B 81 -5.59 -19.91 -7.44
C ILE B 81 -4.34 -19.20 -7.92
N SER B 82 -3.57 -19.87 -8.78
N SER B 82 -3.57 -19.87 -8.78
CA SER B 82 -2.37 -19.29 -9.36
CA SER B 82 -2.36 -19.31 -9.36
C SER B 82 -2.52 -19.21 -10.86
C SER B 82 -2.53 -19.21 -10.87
N ILE B 83 -2.43 -17.99 -11.40
CA ILE B 83 -2.64 -17.72 -12.81
C ILE B 83 -1.38 -17.10 -13.39
N VAL B 84 -0.84 -17.74 -14.42
CA VAL B 84 0.25 -17.21 -15.23
C VAL B 84 -0.34 -16.56 -16.46
N PHE B 85 0.08 -15.32 -16.76
CA PHE B 85 -0.46 -14.62 -17.91
C PHE B 85 0.65 -13.78 -18.55
N THR B 86 0.46 -13.49 -19.84
CA THR B 86 1.44 -12.74 -20.61
C THR B 86 0.79 -11.46 -21.13
N VAL B 87 1.45 -10.34 -20.89
CA VAL B 87 1.07 -9.05 -21.46
C VAL B 87 1.95 -8.81 -22.67
N HIS B 88 1.35 -8.58 -23.83
CA HIS B 88 2.16 -8.26 -24.99
C HIS B 88 1.65 -7.01 -25.69
N TYR B 89 2.60 -6.20 -26.13
CA TYR B 89 2.32 -4.88 -26.68
C TYR B 89 3.34 -4.59 -27.77
N GLU B 90 2.96 -3.71 -28.69
CA GLU B 90 3.82 -3.27 -29.77
C GLU B 90 4.29 -1.85 -29.48
N LYS B 91 5.58 -1.62 -29.66
CA LYS B 91 6.17 -0.29 -29.53
C LYS B 91 7.21 -0.14 -30.62
N ASN B 92 6.88 0.63 -31.66
CA ASN B 92 7.81 0.92 -32.75
C ASN B 92 8.10 -0.34 -33.56
N GLY B 93 7.04 -1.07 -33.91
CA GLY B 93 7.19 -2.22 -34.77
C GLY B 93 7.82 -3.44 -34.12
N GLU B 94 8.10 -3.39 -32.83
CA GLU B 94 8.59 -4.56 -32.11
C GLU B 94 7.56 -4.94 -31.05
N THR B 95 7.32 -6.23 -30.93
CA THR B 95 6.36 -6.75 -29.95
C THR B 95 7.12 -7.30 -28.76
N THR B 96 6.62 -6.98 -27.56
CA THR B 96 7.21 -7.44 -26.32
C THR B 96 6.23 -8.36 -25.62
N TYR B 97 6.74 -9.44 -25.06
CA TYR B 97 5.92 -10.38 -24.28
C TYR B 97 6.44 -10.41 -22.85
N ASP B 98 5.63 -9.91 -21.92
CA ASP B 98 5.97 -9.90 -20.51
C ASP B 98 5.11 -10.91 -19.76
N ARG B 99 5.75 -11.79 -19.01
CA ARG B 99 5.09 -12.82 -18.24
C ARG B 99 4.87 -12.36 -16.80
N TYR B 100 3.68 -12.63 -16.28
CA TYR B 100 3.33 -12.28 -14.90
C TYR B 100 2.75 -13.51 -14.21
N VAL B 101 2.86 -13.52 -12.89
CA VAL B 101 2.25 -14.53 -12.04
C VAL B 101 1.33 -13.83 -11.07
N MET B 102 0.21 -14.47 -10.77
N MET B 102 0.18 -14.44 -10.81
CA MET B 102 -0.83 -13.89 -9.94
CA MET B 102 -0.83 -13.86 -9.94
C MET B 102 -1.37 -14.96 -9.02
C MET B 102 -1.38 -14.94 -9.02
N VAL B 103 -1.65 -14.58 -7.78
CA VAL B 103 -2.19 -15.50 -6.79
C VAL B 103 -3.42 -14.86 -6.17
N ALA B 104 -4.50 -15.65 -6.11
CA ALA B 104 -5.76 -15.22 -5.52
C ALA B 104 -6.22 -16.28 -4.54
N VAL B 105 -7.10 -15.87 -3.62
CA VAL B 105 -7.65 -16.77 -2.62
C VAL B 105 -9.16 -16.82 -2.80
N ASP B 106 -9.69 -18.03 -3.02
CA ASP B 106 -11.13 -18.23 -3.21
C ASP B 106 -11.85 -18.24 -1.88
N ARG B 110 -15.81 -15.99 -2.50
CA ARG B 110 -15.30 -15.31 -3.68
C ARG B 110 -13.77 -15.39 -3.73
N ALA B 111 -13.18 -14.93 -4.84
CA ALA B 111 -11.73 -14.99 -5.03
C ALA B 111 -11.19 -13.59 -5.25
N GLN B 112 -10.10 -13.26 -4.56
CA GLN B 112 -9.50 -11.93 -4.64
C GLN B 112 -7.99 -12.05 -4.77
N ILE B 113 -7.42 -11.19 -5.60
CA ILE B 113 -5.98 -11.23 -5.88
C ILE B 113 -5.20 -10.76 -4.67
N LYS B 114 -4.22 -11.56 -4.26
CA LYS B 114 -3.34 -11.21 -3.14
C LYS B 114 -1.98 -10.73 -3.61
N MET B 115 -1.49 -11.26 -4.73
CA MET B 115 -0.13 -11.01 -5.17
C MET B 115 -0.13 -11.02 -6.69
N LEU B 116 0.61 -10.09 -7.26
CA LEU B 116 0.85 -10.04 -8.71
C LEU B 116 2.30 -9.64 -8.90
N ARG B 117 3.06 -10.41 -9.67
CA ARG B 117 4.48 -10.12 -9.83
C ARG B 117 4.89 -10.40 -11.25
N LYS B 118 5.70 -9.49 -11.80
CA LYS B 118 6.24 -9.67 -13.14
C LYS B 118 7.38 -10.66 -13.08
N GLY B 119 7.28 -11.75 -13.84
CA GLY B 119 8.33 -12.73 -13.90
C GLY B 119 7.84 -14.01 -14.55
#